data_7OSO
#
_entry.id   7OSO
#
_cell.length_a   127.713
_cell.length_b   127.713
_cell.length_c   61.016
_cell.angle_alpha   90.000
_cell.angle_beta   90.000
_cell.angle_gamma   90.000
#
_symmetry.space_group_name_H-M   'P 41 21 2'
#
loop_
_entity.id
_entity.type
_entity.pdbx_description
1 polymer 'Levansucrase (Beta-D-fructofuranosyl transferase)'
2 non-polymer 'ZINC ION'
3 non-polymer (2~{S})-butane-1,2,4-triol
4 water water
#
_entity_poly.entity_id   1
_entity_poly.type   'polypeptide(L)'
_entity_poly.pdbx_seq_one_letter_code
;FNYKPTPWTRADALKVHSDDPTTTQPLVDVAFPVMSEEVFIWDTMPLRDFDGDIVSVNGWCVIFTLTADRNTNNPDFQDE
NGNYDIKRDWEDRHGRARICYWYSRTGKDWIFGGRVMAEGVSPTTREWAGTPILLNDEGDIDLYYTCVTPGATIAKVRGK
IVTSDEGVSLEGFQHVKSLFSADGKIYQTEEQNAYWNFRDPSPFIDKNDGKLYMLFEGNVAGSRGTHEITQEDMGSVPPG
YENVGGARYQVGCIGLAVAKDLSGDEWEILPPLITAVGVNDQTERPHFVFQEGKYYLFTISHKYTFADNLTGPDGVYGFV
SNQLTGPYTPMNSSGLVLGNPSSQPFQTYSHYVMPNGLVTSFIDSVPWEGEKFRIGGTEAPTVKILLKGDRSFVVDSFDY
GYIPAMKDIILK
;
_entity_poly.pdbx_strand_id   A
#
loop_
_chem_comp.id
_chem_comp.type
_chem_comp.name
_chem_comp.formula
0V1 non-polymer (2~{S})-butane-1,2,4-triol 'C4 H10 O3'
ZN non-polymer 'ZINC ION' 'Zn 2'
#
# COMPACT_ATOMS: atom_id res chain seq x y z
N PHE A 1 -5.35 9.61 22.51
CA PHE A 1 -4.89 8.20 22.69
C PHE A 1 -5.82 7.42 23.63
N ASN A 2 -7.02 7.95 23.95
CA ASN A 2 -8.05 7.31 24.82
C ASN A 2 -9.00 6.44 23.99
N TYR A 3 -8.48 5.45 23.27
CA TYR A 3 -9.21 4.39 22.53
C TYR A 3 -8.38 3.11 22.54
N LYS A 4 -9.02 1.96 22.26
CA LYS A 4 -8.36 0.64 22.14
C LYS A 4 -8.23 0.31 20.67
N PRO A 5 -7.06 -0.20 20.22
CA PRO A 5 -6.98 -0.81 18.89
C PRO A 5 -8.03 -1.92 18.75
N THR A 6 -8.55 -2.09 17.55
CA THR A 6 -9.46 -3.21 17.20
C THR A 6 -8.64 -4.40 16.69
N PRO A 7 -8.67 -5.57 17.35
CA PRO A 7 -8.07 -6.77 16.77
C PRO A 7 -8.87 -7.29 15.59
N TRP A 8 -8.15 -7.62 14.53
CA TRP A 8 -8.56 -8.54 13.48
C TRP A 8 -8.27 -9.95 14.02
N THR A 9 -9.30 -10.68 14.44
CA THR A 9 -9.10 -11.89 15.26
C THR A 9 -8.84 -13.12 14.39
N ARG A 10 -8.35 -14.17 15.02
CA ARG A 10 -8.23 -15.48 14.35
C ARG A 10 -9.62 -15.94 13.90
N ALA A 11 -10.64 -15.75 14.73
CA ALA A 11 -12.01 -16.16 14.39
C ALA A 11 -12.47 -15.43 13.12
N ASP A 12 -12.17 -14.15 12.99
CA ASP A 12 -12.50 -13.39 11.76
C ASP A 12 -11.76 -14.01 10.56
N ALA A 13 -10.47 -14.25 10.74
CA ALA A 13 -9.60 -14.74 9.64
C ALA A 13 -10.02 -16.15 9.21
N LEU A 14 -10.62 -16.94 10.10
CA LEU A 14 -11.13 -18.28 9.74
C LEU A 14 -12.28 -18.17 8.73
N LYS A 15 -12.93 -17.00 8.59
CA LYS A 15 -14.00 -16.78 7.59
C LYS A 15 -13.43 -16.45 6.21
N VAL A 16 -12.12 -16.21 6.09
CA VAL A 16 -11.59 -15.75 4.78
C VAL A 16 -11.84 -16.85 3.75
N HIS A 17 -12.43 -16.46 2.63
CA HIS A 17 -12.80 -17.37 1.53
C HIS A 17 -12.16 -16.89 0.23
N SER A 18 -11.23 -17.67 -0.31
CA SER A 18 -10.65 -17.45 -1.66
C SER A 18 -11.70 -17.82 -2.71
N ASP A 19 -11.65 -17.13 -3.85
CA ASP A 19 -12.45 -17.43 -5.06
C ASP A 19 -13.95 -17.19 -4.81
N ASP A 20 -14.28 -16.29 -3.90
CA ASP A 20 -15.62 -15.66 -3.84
C ASP A 20 -15.67 -14.66 -4.99
N PRO A 21 -16.52 -14.84 -6.01
CA PRO A 21 -16.42 -13.99 -7.20
C PRO A 21 -16.78 -12.53 -6.88
N THR A 22 -17.48 -12.27 -5.77
CA THR A 22 -17.78 -10.89 -5.36
C THR A 22 -16.53 -10.21 -4.79
N THR A 23 -15.49 -10.96 -4.39
CA THR A 23 -14.27 -10.43 -3.72
C THR A 23 -13.01 -11.00 -4.38
N THR A 24 -13.07 -11.36 -5.66
CA THR A 24 -11.89 -11.92 -6.38
C THR A 24 -11.58 -11.06 -7.59
N GLN A 25 -10.30 -10.74 -7.77
CA GLN A 25 -9.82 -10.02 -8.96
C GLN A 25 -9.96 -10.90 -10.17
N PRO A 26 -10.50 -10.38 -11.30
CA PRO A 26 -10.47 -11.12 -12.56
C PRO A 26 -9.06 -11.61 -12.92
N LEU A 27 -9.01 -12.74 -13.60
CA LEU A 27 -7.75 -13.37 -14.06
C LEU A 27 -7.00 -12.40 -14.98
N VAL A 28 -5.73 -12.17 -14.68
CA VAL A 28 -4.81 -11.43 -15.59
C VAL A 28 -4.46 -12.37 -16.76
N ASP A 29 -4.61 -11.84 -17.97
CA ASP A 29 -4.20 -12.46 -19.25
C ASP A 29 -2.66 -12.52 -19.27
N VAL A 30 -2.06 -13.69 -19.44
CA VAL A 30 -0.57 -13.84 -19.42
C VAL A 30 0.04 -13.10 -20.62
N ALA A 31 -0.75 -12.68 -21.62
CA ALA A 31 -0.29 -11.86 -22.76
C ALA A 31 -0.42 -10.36 -22.50
N PHE A 32 -0.44 -9.96 -21.24
CA PHE A 32 -0.57 -8.54 -20.83
C PHE A 32 0.50 -7.69 -21.52
N PRO A 33 0.15 -6.42 -21.83
CA PRO A 33 1.15 -5.47 -22.31
C PRO A 33 1.99 -4.95 -21.14
N VAL A 34 3.18 -4.43 -21.45
CA VAL A 34 4.02 -3.74 -20.44
C VAL A 34 4.10 -2.26 -20.80
N MET A 35 4.01 -1.41 -19.80
CA MET A 35 3.94 0.06 -19.98
C MET A 35 5.32 0.62 -20.31
N SER A 36 6.40 -0.13 -20.03
CA SER A 36 7.79 0.27 -20.37
C SER A 36 8.67 -0.95 -20.58
N GLU A 37 9.50 -0.93 -21.62
CA GLU A 37 10.55 -1.95 -21.83
C GLU A 37 11.85 -1.50 -21.15
N GLU A 38 11.88 -0.29 -20.56
CA GLU A 38 13.09 0.26 -19.89
C GLU A 38 13.00 0.10 -18.37
N VAL A 39 11.80 0.19 -17.79
CA VAL A 39 11.66 0.19 -16.31
C VAL A 39 10.57 -0.80 -15.87
N PHE A 40 10.78 -1.34 -14.68
CA PHE A 40 9.73 -2.01 -13.87
C PHE A 40 9.04 -0.95 -13.02
N ILE A 41 7.72 -1.09 -12.82
CA ILE A 41 7.00 -0.37 -11.73
C ILE A 41 6.30 -1.41 -10.87
N TRP A 42 5.97 -1.04 -9.65
CA TRP A 42 5.11 -1.89 -8.80
C TRP A 42 4.20 -0.98 -7.97
N ASP A 43 4.47 -0.75 -6.70
CA ASP A 43 3.56 0.05 -5.84
C ASP A 43 3.28 1.37 -6.53
N THR A 44 2.00 1.69 -6.72
CA THR A 44 1.53 2.88 -7.46
C THR A 44 0.71 3.75 -6.53
N MET A 45 1.06 5.01 -6.54
CA MET A 45 0.57 6.03 -5.57
C MET A 45 -0.01 7.19 -6.38
N PRO A 46 -1.33 7.19 -6.65
CA PRO A 46 -1.96 8.29 -7.39
C PRO A 46 -1.89 9.60 -6.61
N LEU A 47 -1.76 10.70 -7.34
CA LEU A 47 -1.79 12.04 -6.73
C LEU A 47 -3.16 12.29 -6.09
N ARG A 48 -3.17 12.73 -4.84
CA ARG A 48 -4.44 12.82 -4.08
C ARG A 48 -4.39 14.05 -3.18
N ASP A 49 -5.55 14.48 -2.71
CA ASP A 49 -5.64 15.57 -1.72
C ASP A 49 -5.80 14.97 -0.33
N PHE A 50 -5.92 15.81 0.68
CA PHE A 50 -5.92 15.35 2.08
C PHE A 50 -7.19 14.56 2.43
N ASP A 51 -8.20 14.39 1.57
CA ASP A 51 -9.32 13.45 1.89
C ASP A 51 -9.20 12.08 1.20
N GLY A 52 -8.38 11.97 0.19
CA GLY A 52 -8.23 10.73 -0.59
C GLY A 52 -8.73 10.89 -2.01
N ASP A 53 -9.43 12.00 -2.33
CA ASP A 53 -9.79 12.36 -3.74
C ASP A 53 -8.53 12.25 -4.61
N ILE A 54 -8.63 11.51 -5.70
CA ILE A 54 -7.57 11.47 -6.75
C ILE A 54 -7.73 12.77 -7.53
N VAL A 55 -6.64 13.52 -7.69
CA VAL A 55 -6.72 14.85 -8.34
C VAL A 55 -5.80 14.90 -9.56
N SER A 56 -6.34 15.44 -10.65
CA SER A 56 -5.55 15.86 -11.83
C SER A 56 -5.19 17.33 -11.68
N VAL A 57 -4.18 17.78 -12.43
CA VAL A 57 -3.76 19.21 -12.40
CA VAL A 57 -3.71 19.20 -12.40
C VAL A 57 -3.77 19.73 -13.84
N ASN A 58 -4.60 20.74 -14.10
CA ASN A 58 -4.76 21.31 -15.46
C ASN A 58 -5.06 20.20 -16.49
N GLY A 59 -5.84 19.19 -16.08
CA GLY A 59 -6.30 18.08 -16.94
C GLY A 59 -5.31 16.94 -17.06
N TRP A 60 -4.18 17.02 -16.35
CA TRP A 60 -3.16 15.94 -16.31
C TRP A 60 -3.35 15.07 -15.07
N CYS A 61 -3.68 13.80 -15.29
CA CYS A 61 -3.62 12.76 -14.23
C CYS A 61 -2.14 12.45 -13.96
N VAL A 62 -1.84 12.14 -12.72
CA VAL A 62 -0.46 11.89 -12.25
C VAL A 62 -0.46 10.68 -11.32
N ILE A 63 0.49 9.77 -11.55
CA ILE A 63 0.79 8.68 -10.59
C ILE A 63 2.28 8.71 -10.26
N PHE A 64 2.59 8.34 -9.03
CA PHE A 64 3.97 8.07 -8.56
C PHE A 64 4.11 6.56 -8.42
N THR A 65 5.25 6.02 -8.84
CA THR A 65 5.50 4.57 -8.79
C THR A 65 6.83 4.28 -8.10
N LEU A 66 6.88 3.19 -7.35
CA LEU A 66 8.18 2.52 -7.11
C LEU A 66 8.66 1.96 -8.45
N THR A 67 9.91 2.23 -8.77
CA THR A 67 10.51 2.05 -10.12
C THR A 67 11.91 1.47 -9.96
N ALA A 68 12.30 0.62 -10.90
CA ALA A 68 13.68 0.11 -11.02
C ALA A 68 13.95 -0.15 -12.50
N ASP A 69 15.21 -0.07 -12.91
CA ASP A 69 15.56 -0.34 -14.32
C ASP A 69 15.38 -1.83 -14.62
N ARG A 70 14.92 -2.13 -15.83
CA ARG A 70 15.06 -3.49 -16.42
C ARG A 70 16.50 -3.67 -16.88
N ASN A 71 17.17 -4.69 -16.36
CA ASN A 71 18.62 -4.95 -16.54
C ASN A 71 18.82 -5.94 -17.69
N THR A 72 18.05 -5.77 -18.77
CA THR A 72 17.99 -6.66 -19.98
C THR A 72 19.39 -6.92 -20.53
N ASN A 73 20.21 -5.88 -20.59
CA ASN A 73 21.53 -5.92 -21.29
C ASN A 73 22.66 -5.75 -20.29
N ASN A 74 22.39 -5.89 -19.00
CA ASN A 74 23.40 -5.70 -17.91
C ASN A 74 24.02 -7.05 -17.60
N PRO A 75 25.35 -7.26 -17.78
CA PRO A 75 25.95 -8.56 -17.53
C PRO A 75 25.78 -9.09 -16.09
N ASP A 76 25.63 -8.17 -15.11
CA ASP A 76 25.44 -8.51 -13.68
C ASP A 76 24.13 -9.29 -13.50
N PHE A 77 23.21 -9.22 -14.46
CA PHE A 77 21.87 -9.85 -14.39
C PHE A 77 21.73 -10.93 -15.47
N GLN A 78 22.86 -11.45 -15.94
CA GLN A 78 22.93 -12.68 -16.79
C GLN A 78 23.14 -13.89 -15.89
N ASP A 79 22.59 -15.04 -16.29
CA ASP A 79 22.85 -16.35 -15.62
C ASP A 79 24.22 -16.85 -16.08
N GLU A 80 24.63 -18.04 -15.63
CA GLU A 80 25.93 -18.68 -15.99
C GLU A 80 26.08 -18.81 -17.50
N ASN A 81 24.97 -18.90 -18.24
CA ASN A 81 24.94 -19.08 -19.72
C ASN A 81 25.07 -17.71 -20.44
N GLY A 82 25.04 -16.59 -19.70
CA GLY A 82 25.11 -15.23 -20.28
C GLY A 82 23.74 -14.72 -20.70
N ASN A 83 22.67 -15.38 -20.27
CA ASN A 83 21.26 -15.00 -20.62
C ASN A 83 20.67 -14.13 -19.49
N TYR A 84 20.06 -13.01 -19.86
CA TYR A 84 19.31 -12.12 -18.94
C TYR A 84 18.39 -12.97 -18.05
N ASP A 85 18.50 -12.77 -16.73
CA ASP A 85 17.68 -13.48 -15.71
C ASP A 85 16.65 -12.48 -15.15
N ILE A 86 15.48 -12.42 -15.80
CA ILE A 86 14.38 -11.49 -15.41
C ILE A 86 13.93 -11.77 -13.97
N LYS A 87 13.85 -13.03 -13.54
CA LYS A 87 13.36 -13.36 -12.16
C LYS A 87 14.32 -12.77 -11.11
N ARG A 88 15.63 -12.97 -11.27
CA ARG A 88 16.62 -12.40 -10.33
C ARG A 88 16.54 -10.86 -10.36
N ASP A 89 16.41 -10.27 -11.55
CA ASP A 89 16.32 -8.81 -11.74
C ASP A 89 15.10 -8.28 -10.97
N TRP A 90 13.96 -8.88 -11.21
CA TRP A 90 12.66 -8.49 -10.60
C TRP A 90 12.71 -8.65 -9.07
N GLU A 91 13.23 -9.77 -8.56
CA GLU A 91 13.23 -10.06 -7.11
C GLU A 91 14.22 -9.15 -6.38
N ASP A 92 15.14 -8.51 -7.11
CA ASP A 92 16.15 -7.58 -6.54
C ASP A 92 15.60 -6.14 -6.54
N ARG A 93 14.39 -5.90 -7.02
CA ARG A 93 13.86 -4.52 -7.25
C ARG A 93 13.81 -3.73 -5.94
N HIS A 94 13.57 -4.37 -4.80
CA HIS A 94 13.31 -3.65 -3.52
C HIS A 94 14.57 -2.87 -3.13
N GLY A 95 15.74 -3.44 -3.41
CA GLY A 95 17.03 -2.81 -3.10
C GLY A 95 17.37 -1.70 -4.08
N ARG A 96 16.63 -1.55 -5.18
CA ARG A 96 16.88 -0.54 -6.24
C ARG A 96 15.75 0.51 -6.32
N ALA A 97 14.77 0.44 -5.42
CA ALA A 97 13.51 1.20 -5.54
C ALA A 97 13.80 2.71 -5.58
N ARG A 98 13.25 3.37 -6.59
CA ARG A 98 13.23 4.85 -6.70
C ARG A 98 11.82 5.31 -7.08
N ILE A 99 11.44 6.49 -6.61
CA ILE A 99 10.08 7.01 -6.91
C ILE A 99 10.12 7.86 -8.18
N CYS A 100 9.31 7.47 -9.14
CA CYS A 100 9.17 8.18 -10.42
C CYS A 100 7.72 8.63 -10.57
N TYR A 101 7.48 9.50 -11.53
CA TYR A 101 6.11 9.96 -11.85
C TYR A 101 5.82 9.71 -13.33
N TRP A 102 4.53 9.58 -13.61
CA TRP A 102 3.93 9.38 -14.93
C TRP A 102 2.73 10.32 -15.04
N TYR A 103 2.34 10.68 -16.25
CA TYR A 103 1.19 11.59 -16.47
C TYR A 103 0.40 11.14 -17.71
N SER A 104 -0.85 11.57 -17.75
CA SER A 104 -1.80 11.22 -18.82
C SER A 104 -3.04 12.11 -18.75
N ARG A 105 -3.53 12.54 -19.91
CA ARG A 105 -4.82 13.25 -20.05
C ARG A 105 -5.98 12.30 -19.76
N THR A 106 -5.78 10.99 -19.94
CA THR A 106 -6.89 9.99 -20.01
C THR A 106 -6.96 9.11 -18.77
N GLY A 107 -5.95 9.15 -17.90
CA GLY A 107 -5.84 8.23 -16.75
C GLY A 107 -5.31 6.87 -17.15
N LYS A 108 -4.83 6.70 -18.38
CA LYS A 108 -4.14 5.47 -18.80
C LYS A 108 -3.13 5.79 -19.91
N ASP A 109 -2.48 4.78 -20.47
CA ASP A 109 -1.43 5.01 -21.50
C ASP A 109 -0.44 6.05 -20.94
N TRP A 110 0.12 5.73 -19.77
CA TRP A 110 0.96 6.64 -18.96
C TRP A 110 2.23 7.03 -19.72
N ILE A 111 2.57 8.31 -19.63
CA ILE A 111 3.82 8.91 -20.16
C ILE A 111 4.81 8.99 -19.00
N PHE A 112 6.00 8.44 -19.17
CA PHE A 112 7.05 8.44 -18.12
C PHE A 112 7.62 9.85 -17.95
N GLY A 113 7.62 10.35 -16.71
CA GLY A 113 8.19 11.66 -16.33
C GLY A 113 9.57 11.56 -15.70
N GLY A 114 9.95 10.39 -15.19
CA GLY A 114 11.27 10.18 -14.56
C GLY A 114 11.24 10.39 -13.06
N ARG A 115 12.40 10.62 -12.47
CA ARG A 115 12.59 10.64 -11.01
C ARG A 115 11.89 11.86 -10.39
N VAL A 116 11.31 11.67 -9.21
CA VAL A 116 10.78 12.81 -8.41
C VAL A 116 11.97 13.56 -7.78
N MET A 117 12.88 12.82 -7.15
CA MET A 117 14.07 13.38 -6.48
C MET A 117 15.32 13.05 -7.29
N ALA A 118 16.25 13.99 -7.39
CA ALA A 118 17.58 13.68 -7.96
C ALA A 118 18.26 12.63 -7.07
N GLU A 119 19.06 11.75 -7.66
CA GLU A 119 19.83 10.74 -6.89
C GLU A 119 20.69 11.47 -5.87
N GLY A 120 20.61 11.07 -4.60
CA GLY A 120 21.37 11.66 -3.48
C GLY A 120 20.47 12.42 -2.53
N VAL A 121 19.32 12.89 -3.02
CA VAL A 121 18.42 13.73 -2.18
C VAL A 121 17.86 12.83 -1.06
N SER A 122 17.39 11.64 -1.39
CA SER A 122 16.86 10.72 -0.36
C SER A 122 17.95 10.32 0.63
N PRO A 123 17.70 10.44 1.95
CA PRO A 123 18.68 10.03 2.96
C PRO A 123 19.16 8.59 2.77
N THR A 124 18.24 7.70 2.42
CA THR A 124 18.54 6.31 2.04
C THR A 124 18.51 6.21 0.52
N THR A 125 19.32 5.32 -0.04
CA THR A 125 19.27 5.06 -1.51
C THR A 125 17.87 4.52 -1.85
N ARG A 126 17.38 3.55 -1.07
CA ARG A 126 16.01 3.01 -1.29
C ARG A 126 14.98 4.09 -1.01
N GLU A 127 14.03 4.25 -1.93
CA GLU A 127 12.85 5.14 -1.76
C GLU A 127 11.63 4.23 -1.77
N TRP A 128 11.12 3.90 -0.59
CA TRP A 128 9.94 2.99 -0.47
C TRP A 128 8.66 3.82 -0.32
N ALA A 129 7.51 3.14 -0.29
CA ALA A 129 6.22 3.72 -0.67
C ALA A 129 5.70 4.69 0.38
N GLY A 130 4.72 5.47 -0.07
CA GLY A 130 3.98 6.42 0.75
C GLY A 130 2.87 7.02 -0.06
N THR A 131 2.73 8.33 -0.02
CA THR A 131 1.59 9.04 -0.63
C THR A 131 2.02 10.43 -1.06
N PRO A 132 1.77 10.81 -2.34
CA PRO A 132 1.93 12.18 -2.79
C PRO A 132 0.64 12.98 -2.57
N ILE A 133 0.76 14.09 -1.82
CA ILE A 133 -0.40 14.97 -1.51
C ILE A 133 -0.24 16.29 -2.25
N LEU A 134 -1.24 16.64 -3.06
CA LEU A 134 -1.35 18.00 -3.63
C LEU A 134 -1.85 18.92 -2.50
N LEU A 135 -1.01 19.86 -2.08
CA LEU A 135 -1.26 20.72 -0.90
C LEU A 135 -2.21 21.86 -1.27
N ASN A 136 -2.16 22.35 -2.50
CA ASN A 136 -2.84 23.60 -2.88
C ASN A 136 -2.90 23.71 -4.40
N ASP A 137 -3.58 24.75 -4.87
CA ASP A 137 -3.78 24.99 -6.32
C ASP A 137 -2.67 25.90 -6.85
N GLU A 138 -1.61 26.11 -6.07
CA GLU A 138 -0.32 26.67 -6.60
C GLU A 138 0.59 25.53 -7.05
N GLY A 139 0.20 24.27 -6.83
CA GLY A 139 0.93 23.10 -7.35
C GLY A 139 1.95 22.55 -6.37
N ASP A 140 1.92 22.97 -5.11
CA ASP A 140 2.83 22.44 -4.07
C ASP A 140 2.39 21.02 -3.73
N ILE A 141 3.37 20.12 -3.62
CA ILE A 141 3.16 18.69 -3.29
C ILE A 141 4.09 18.33 -2.14
N ASP A 142 3.58 17.58 -1.15
CA ASP A 142 4.42 16.85 -0.19
C ASP A 142 4.36 15.38 -0.59
N LEU A 143 5.49 14.80 -0.94
CA LEU A 143 5.59 13.34 -1.10
C LEU A 143 6.01 12.77 0.25
N TYR A 144 5.07 12.10 0.90
CA TYR A 144 5.36 11.30 2.11
C TYR A 144 5.84 9.94 1.62
N TYR A 145 6.98 9.47 2.11
CA TYR A 145 7.51 8.16 1.68
C TYR A 145 8.33 7.55 2.80
N THR A 146 8.94 6.39 2.52
CA THR A 146 9.70 5.67 3.55
C THR A 146 11.16 5.55 3.13
N CYS A 147 12.04 6.03 4.00
CA CYS A 147 13.51 5.87 3.88
C CYS A 147 13.91 4.56 4.56
N VAL A 148 14.46 3.60 3.81
CA VAL A 148 14.72 2.23 4.32
C VAL A 148 16.18 1.86 4.06
N THR A 149 16.84 1.37 5.11
CA THR A 149 18.19 0.75 5.12
C THR A 149 19.24 1.84 4.95
N PRO A 150 19.86 2.36 6.04
CA PRO A 150 19.63 1.89 7.40
C PRO A 150 18.28 2.31 7.99
N GLY A 151 17.68 1.41 8.77
CA GLY A 151 16.47 1.69 9.54
C GLY A 151 15.25 1.80 8.65
N ALA A 152 14.20 2.39 9.19
CA ALA A 152 12.93 2.60 8.46
C ALA A 152 12.31 3.85 9.05
N THR A 153 12.26 4.90 8.24
CA THR A 153 11.92 6.26 8.70
C THR A 153 10.86 6.81 7.77
N ILE A 154 9.75 7.26 8.36
CA ILE A 154 8.72 7.97 7.58
C ILE A 154 9.22 9.40 7.39
N ALA A 155 9.17 9.88 6.16
CA ALA A 155 9.76 11.16 5.74
C ALA A 155 8.82 11.84 4.75
N LYS A 156 9.09 13.12 4.48
CA LYS A 156 8.37 13.81 3.40
C LYS A 156 9.31 14.79 2.72
N VAL A 157 8.94 15.11 1.49
CA VAL A 157 9.75 16.03 0.67
C VAL A 157 8.80 16.92 -0.16
N ARG A 158 9.03 18.22 -0.07
CA ARG A 158 8.19 19.24 -0.73
C ARG A 158 8.73 19.54 -2.12
N GLY A 159 7.84 19.66 -3.09
CA GLY A 159 8.16 20.16 -4.43
C GLY A 159 6.95 20.78 -5.08
N LYS A 160 7.04 20.96 -6.39
CA LYS A 160 6.03 21.68 -7.20
C LYS A 160 5.77 20.89 -8.46
N ILE A 161 4.50 20.87 -8.87
CA ILE A 161 4.10 20.38 -10.22
C ILE A 161 3.86 21.58 -11.12
N VAL A 162 4.43 21.50 -12.33
CA VAL A 162 4.25 22.49 -13.42
CA VAL A 162 4.16 22.49 -13.39
C VAL A 162 3.67 21.73 -14.62
N THR A 163 2.73 22.32 -15.33
CA THR A 163 2.14 21.68 -16.54
C THR A 163 2.33 22.58 -17.77
N SER A 164 2.24 21.94 -18.93
CA SER A 164 2.08 22.58 -20.25
C SER A 164 1.18 21.70 -21.12
N ASP A 165 0.95 22.11 -22.35
CA ASP A 165 0.24 21.29 -23.37
C ASP A 165 0.99 19.98 -23.64
N GLU A 166 2.28 19.91 -23.30
CA GLU A 166 3.17 18.74 -23.60
C GLU A 166 3.05 17.70 -22.49
N GLY A 167 2.86 18.13 -21.25
CA GLY A 167 2.83 17.21 -20.11
C GLY A 167 3.09 17.90 -18.79
N VAL A 168 3.73 17.16 -17.88
CA VAL A 168 3.92 17.55 -16.47
C VAL A 168 5.41 17.47 -16.15
N SER A 169 5.90 18.39 -15.33
CA SER A 169 7.25 18.37 -14.76
C SER A 169 7.15 18.54 -13.24
N LEU A 170 8.01 17.84 -12.52
CA LEU A 170 8.16 18.01 -11.06
C LEU A 170 9.46 18.73 -10.80
N GLU A 171 9.43 19.74 -9.94
CA GLU A 171 10.68 20.45 -9.60
C GLU A 171 10.76 20.70 -8.10
N GLY A 172 11.99 20.87 -7.64
CA GLY A 172 12.30 21.35 -6.28
C GLY A 172 12.16 20.31 -5.18
N PHE A 173 12.00 19.03 -5.48
CA PHE A 173 11.98 17.98 -4.43
C PHE A 173 13.41 17.71 -3.97
N GLN A 174 13.88 18.53 -3.03
CA GLN A 174 15.32 18.73 -2.72
C GLN A 174 15.63 18.47 -1.25
N HIS A 175 14.64 18.53 -0.37
CA HIS A 175 14.86 18.61 1.10
C HIS A 175 13.98 17.59 1.80
N VAL A 176 14.54 16.43 2.11
CA VAL A 176 13.77 15.37 2.80
C VAL A 176 13.76 15.64 4.30
N LYS A 177 12.55 15.79 4.85
CA LYS A 177 12.32 15.94 6.30
C LYS A 177 11.99 14.57 6.88
N SER A 178 12.84 14.07 7.76
CA SER A 178 12.63 12.82 8.52
C SER A 178 11.62 13.10 9.63
N LEU A 179 10.54 12.33 9.67
CA LEU A 179 9.40 12.65 10.59
C LEU A 179 9.44 11.74 11.82
N PHE A 180 9.45 10.43 11.63
CA PHE A 180 9.59 9.52 12.79
C PHE A 180 9.88 8.11 12.31
N SER A 181 10.40 7.32 13.24
N SER A 181 10.41 7.31 13.23
CA SER A 181 10.72 5.88 13.10
CA SER A 181 10.67 5.87 13.06
C SER A 181 9.92 5.13 14.17
C SER A 181 9.95 5.13 14.19
N ALA A 182 10.03 3.80 14.22
CA ALA A 182 9.38 2.99 15.27
C ALA A 182 9.90 3.41 16.65
N ASP A 183 9.03 3.46 17.64
CA ASP A 183 9.33 4.00 19.00
C ASP A 183 9.77 2.90 19.99
N GLY A 184 9.21 1.69 19.86
CA GLY A 184 9.55 0.53 20.71
C GLY A 184 8.61 0.31 21.87
N LYS A 185 7.70 1.26 22.18
CA LYS A 185 6.67 1.07 23.23
C LYS A 185 5.33 0.72 22.56
N ILE A 186 4.99 1.41 21.47
CA ILE A 186 3.75 1.15 20.69
C ILE A 186 4.10 0.29 19.47
N TYR A 187 5.05 0.75 18.64
CA TYR A 187 5.46 0.08 17.38
C TYR A 187 6.83 -0.58 17.53
N GLN A 188 6.94 -1.77 16.98
CA GLN A 188 8.14 -2.63 17.08
C GLN A 188 9.32 -1.99 16.36
N THR A 189 10.51 -2.13 16.94
CA THR A 189 11.76 -1.58 16.38
C THR A 189 12.61 -2.67 15.73
N GLU A 190 13.61 -2.23 14.99
CA GLU A 190 14.66 -3.11 14.41
C GLU A 190 15.39 -3.87 15.53
N GLU A 191 15.68 -3.20 16.66
N GLU A 191 15.65 -3.23 16.68
CA GLU A 191 16.32 -3.83 17.84
CA GLU A 191 16.36 -3.87 17.81
C GLU A 191 15.46 -5.03 18.27
C GLU A 191 15.48 -4.98 18.42
N GLN A 192 14.15 -4.83 18.35
CA GLN A 192 13.21 -5.87 18.83
C GLN A 192 13.07 -6.98 17.79
N ASN A 193 13.17 -6.66 16.51
CA ASN A 193 12.91 -7.60 15.39
C ASN A 193 13.67 -7.13 14.14
N ALA A 194 14.69 -7.88 13.72
CA ALA A 194 15.51 -7.54 12.53
C ALA A 194 14.61 -7.46 11.29
N TYR A 195 13.44 -8.09 11.33
CA TYR A 195 12.49 -8.17 10.19
C TYR A 195 11.28 -7.28 10.45
N TRP A 196 11.40 -6.29 11.33
CA TRP A 196 10.29 -5.37 11.67
C TRP A 196 9.72 -4.72 10.42
N ASN A 197 8.42 -4.42 10.48
CA ASN A 197 7.71 -3.64 9.44
C ASN A 197 7.42 -2.24 9.97
N PHE A 198 7.80 -1.22 9.20
CA PHE A 198 7.51 0.18 9.54
C PHE A 198 7.63 0.98 8.26
N ARG A 199 6.51 1.33 7.64
CA ARG A 199 6.55 1.94 6.28
C ARG A 199 5.17 2.42 5.85
N ASP A 200 5.14 3.13 4.73
CA ASP A 200 3.92 3.35 3.93
C ASP A 200 3.01 4.39 4.58
N PRO A 201 3.46 5.65 4.72
CA PRO A 201 2.58 6.68 5.22
C PRO A 201 1.43 7.06 4.28
N SER A 202 0.25 7.27 4.88
CA SER A 202 -0.96 7.73 4.20
C SER A 202 -1.61 8.82 5.02
N PRO A 203 -1.23 10.10 4.79
CA PRO A 203 -1.80 11.21 5.54
C PRO A 203 -3.24 11.51 5.12
N PHE A 204 -3.99 12.07 6.04
CA PHE A 204 -5.38 12.50 5.79
C PHE A 204 -5.76 13.53 6.85
N ILE A 205 -6.73 14.36 6.50
CA ILE A 205 -7.32 15.28 7.49
C ILE A 205 -8.67 14.70 7.89
N ASP A 206 -8.95 14.71 9.17
CA ASP A 206 -10.30 14.33 9.68
C ASP A 206 -11.08 15.63 9.87
N LYS A 207 -12.13 15.86 9.08
CA LYS A 207 -12.90 17.12 9.21
C LYS A 207 -13.64 17.18 10.54
N ASN A 208 -13.84 16.06 11.23
CA ASN A 208 -14.59 16.10 12.51
C ASN A 208 -13.79 16.87 13.57
N ASP A 209 -12.46 16.74 13.61
CA ASP A 209 -11.63 17.51 14.57
C ASP A 209 -10.72 18.49 13.84
N GLY A 210 -10.71 18.47 12.50
CA GLY A 210 -9.88 19.37 11.67
C GLY A 210 -8.39 19.04 11.69
N LYS A 211 -8.00 17.91 12.29
CA LYS A 211 -6.57 17.59 12.50
C LYS A 211 -6.02 16.74 11.35
N LEU A 212 -4.71 16.86 11.15
CA LEU A 212 -3.95 16.08 10.17
C LEU A 212 -3.39 14.83 10.86
N TYR A 213 -3.69 13.69 10.27
CA TYR A 213 -3.28 12.37 10.78
C TYR A 213 -2.51 11.65 9.68
N MET A 214 -1.94 10.49 10.01
CA MET A 214 -1.47 9.56 8.96
C MET A 214 -1.62 8.13 9.47
N LEU A 215 -1.96 7.28 8.53
CA LEU A 215 -1.83 5.81 8.70
C LEU A 215 -0.42 5.39 8.31
N PHE A 216 0.03 4.27 8.86
CA PHE A 216 1.24 3.61 8.35
C PHE A 216 1.18 2.14 8.73
N GLU A 217 1.99 1.33 8.05
CA GLU A 217 2.21 -0.06 8.47
C GLU A 217 3.19 -0.08 9.64
N GLY A 218 2.81 -0.77 10.71
CA GLY A 218 3.70 -1.08 11.81
C GLY A 218 3.60 -2.54 12.20
N ASN A 219 4.29 -2.85 13.28
CA ASN A 219 4.14 -4.11 14.03
C ASN A 219 3.90 -3.71 15.48
N VAL A 220 3.18 -4.54 16.22
CA VAL A 220 3.00 -4.31 17.69
C VAL A 220 4.35 -4.45 18.40
N ALA A 221 4.71 -3.49 19.25
CA ALA A 221 6.01 -3.47 19.97
C ALA A 221 6.20 -4.74 20.80
N GLY A 222 7.44 -5.20 20.85
CA GLY A 222 7.93 -6.29 21.71
C GLY A 222 9.00 -7.09 21.01
N SER A 223 9.88 -7.71 21.79
CA SER A 223 10.95 -8.58 21.27
C SER A 223 10.32 -9.69 20.43
N ARG A 224 10.89 -9.94 19.26
CA ARG A 224 10.44 -11.02 18.34
C ARG A 224 10.21 -12.32 19.12
N GLY A 225 9.01 -12.87 18.98
CA GLY A 225 8.67 -14.19 19.53
C GLY A 225 8.09 -14.11 20.93
N THR A 226 8.03 -12.93 21.56
CA THR A 226 7.67 -12.83 23.00
C THR A 226 6.19 -12.46 23.18
N HIS A 227 5.52 -11.99 22.13
CA HIS A 227 4.12 -11.51 22.21
C HIS A 227 3.20 -12.59 22.78
N GLU A 228 2.33 -12.20 23.70
CA GLU A 228 1.29 -13.08 24.29
C GLU A 228 0.04 -12.94 23.43
N ILE A 229 -0.47 -14.05 22.90
N ILE A 229 -0.45 -14.05 22.88
CA ILE A 229 -1.78 -14.11 22.17
CA ILE A 229 -1.78 -14.08 22.20
C ILE A 229 -2.90 -14.17 23.22
C ILE A 229 -2.86 -14.14 23.27
N THR A 230 -3.76 -13.16 23.25
CA THR A 230 -4.85 -13.02 24.23
C THR A 230 -6.16 -13.54 23.64
N GLN A 231 -7.18 -13.72 24.47
N GLN A 231 -7.17 -13.72 24.49
CA GLN A 231 -8.51 -14.15 23.96
CA GLN A 231 -8.53 -14.08 24.03
C GLN A 231 -9.10 -13.05 23.07
C GLN A 231 -8.99 -13.06 22.99
N GLU A 232 -8.63 -11.80 23.17
CA GLU A 232 -9.09 -10.70 22.28
C GLU A 232 -8.44 -10.86 20.90
N ASP A 233 -7.28 -11.49 20.82
CA ASP A 233 -6.60 -11.77 19.52
C ASP A 233 -7.24 -13.02 18.89
N MET A 234 -7.63 -13.97 19.72
CA MET A 234 -8.24 -15.24 19.26
C MET A 234 -9.61 -14.95 18.66
N GLY A 235 -10.42 -14.13 19.33
CA GLY A 235 -11.85 -14.08 19.03
C GLY A 235 -12.52 -15.40 19.35
N SER A 236 -13.76 -15.55 18.92
CA SER A 236 -14.61 -16.72 19.24
C SER A 236 -14.31 -17.84 18.24
N VAL A 237 -13.15 -18.48 18.38
CA VAL A 237 -12.76 -19.58 17.47
C VAL A 237 -13.62 -20.80 17.77
N PRO A 238 -13.88 -21.63 16.74
CA PRO A 238 -14.69 -22.81 16.91
C PRO A 238 -13.92 -23.95 17.56
N PRO A 239 -14.65 -24.94 18.11
CA PRO A 239 -14.02 -26.13 18.67
C PRO A 239 -13.07 -26.79 17.67
N GLY A 240 -11.85 -27.07 18.14
CA GLY A 240 -10.80 -27.73 17.36
C GLY A 240 -9.81 -26.75 16.76
N TYR A 241 -10.06 -25.44 16.89
CA TYR A 241 -9.23 -24.37 16.27
C TYR A 241 -8.49 -23.57 17.34
N GLU A 242 -8.04 -24.25 18.40
CA GLU A 242 -7.34 -23.61 19.55
C GLU A 242 -5.83 -23.62 19.28
N ASN A 243 -5.32 -24.51 18.41
CA ASN A 243 -3.85 -24.63 18.18
C ASN A 243 -3.41 -23.51 17.23
N VAL A 244 -2.55 -22.60 17.70
CA VAL A 244 -2.09 -21.43 16.89
C VAL A 244 -0.67 -21.65 16.34
N GLY A 245 -0.02 -22.79 16.63
CA GLY A 245 1.37 -22.97 16.18
C GLY A 245 2.23 -21.78 16.52
N GLY A 246 2.96 -21.26 15.53
CA GLY A 246 3.92 -20.15 15.71
C GLY A 246 3.30 -18.77 15.60
N ALA A 247 1.99 -18.63 15.80
CA ALA A 247 1.23 -17.39 15.51
C ALA A 247 1.79 -16.17 16.26
N ARG A 248 2.47 -16.34 17.40
CA ARG A 248 3.04 -15.19 18.16
C ARG A 248 4.07 -14.43 17.32
N TYR A 249 4.55 -15.00 16.20
CA TYR A 249 5.53 -14.33 15.30
C TYR A 249 4.83 -13.43 14.28
N GLN A 250 3.50 -13.43 14.22
CA GLN A 250 2.72 -12.54 13.31
C GLN A 250 2.13 -11.40 14.17
N VAL A 251 2.61 -10.18 13.96
CA VAL A 251 2.30 -9.03 14.87
C VAL A 251 2.03 -7.74 14.08
N GLY A 252 1.41 -7.84 12.89
CA GLY A 252 1.09 -6.65 12.08
C GLY A 252 0.12 -5.71 12.74
N CYS A 253 0.24 -4.43 12.42
CA CYS A 253 -0.78 -3.46 12.85
C CYS A 253 -0.85 -2.29 11.87
N ILE A 254 -2.00 -1.64 11.87
CA ILE A 254 -2.19 -0.36 11.14
C ILE A 254 -1.99 0.75 12.16
N GLY A 255 -0.87 1.46 12.04
CA GLY A 255 -0.53 2.53 12.97
C GLY A 255 -1.21 3.85 12.60
N LEU A 256 -1.24 4.74 13.58
CA LEU A 256 -1.80 6.09 13.45
C LEU A 256 -0.83 7.07 14.13
N ALA A 257 -0.68 8.24 13.52
CA ALA A 257 0.01 9.36 14.15
C ALA A 257 -0.80 10.62 13.86
N VAL A 258 -0.61 11.65 14.70
CA VAL A 258 -1.30 12.94 14.53
C VAL A 258 -0.26 14.05 14.49
N ALA A 259 -0.45 15.01 13.59
CA ALA A 259 0.47 16.15 13.41
C ALA A 259 0.15 17.22 14.45
N LYS A 260 1.17 17.97 14.86
CA LYS A 260 1.02 19.10 15.82
C LYS A 260 0.12 20.16 15.21
N ASP A 261 0.22 20.33 13.90
CA ASP A 261 -0.61 21.29 13.13
C ASP A 261 -0.62 20.86 11.66
N LEU A 262 -1.33 21.59 10.80
CA LEU A 262 -1.59 21.17 9.40
C LEU A 262 -0.33 21.28 8.54
N SER A 263 0.78 21.82 9.06
CA SER A 263 2.09 21.79 8.35
C SER A 263 2.59 20.34 8.23
N GLY A 264 2.19 19.46 9.14
CA GLY A 264 2.68 18.08 9.12
C GLY A 264 4.19 18.01 9.30
N ASP A 265 4.78 18.95 10.03
CA ASP A 265 6.24 18.97 10.23
C ASP A 265 6.61 18.21 11.51
N GLU A 266 5.65 18.01 12.43
CA GLU A 266 5.89 17.35 13.75
C GLU A 266 4.74 16.40 14.06
N TRP A 267 5.06 15.18 14.52
CA TRP A 267 4.09 14.07 14.67
C TRP A 267 4.18 13.42 16.06
N GLU A 268 3.02 13.02 16.58
CA GLU A 268 2.82 12.25 17.84
C GLU A 268 2.30 10.86 17.44
N ILE A 269 3.02 9.80 17.77
CA ILE A 269 2.55 8.44 17.48
C ILE A 269 1.41 8.11 18.44
N LEU A 270 0.38 7.47 17.91
CA LEU A 270 -0.82 7.06 18.65
C LEU A 270 -0.94 5.56 18.62
N PRO A 271 -1.83 4.97 19.46
CA PRO A 271 -2.10 3.55 19.37
C PRO A 271 -2.63 3.15 17.99
N PRO A 272 -2.38 1.91 17.53
CA PRO A 272 -2.84 1.50 16.22
C PRO A 272 -4.36 1.43 16.16
N LEU A 273 -4.89 1.54 14.95
CA LEU A 273 -6.36 1.37 14.75
C LEU A 273 -6.71 -0.12 14.70
N ILE A 274 -5.86 -0.94 14.08
CA ILE A 274 -6.10 -2.40 13.87
C ILE A 274 -4.84 -3.12 14.28
N THR A 275 -4.99 -4.21 15.03
CA THR A 275 -3.87 -5.13 15.34
C THR A 275 -4.23 -6.50 14.80
N ALA A 276 -3.21 -7.24 14.38
CA ALA A 276 -3.40 -8.58 13.78
C ALA A 276 -2.45 -9.58 14.45
N VAL A 277 -2.22 -9.40 15.75
CA VAL A 277 -1.39 -10.33 16.56
C VAL A 277 -2.01 -11.72 16.48
N GLY A 278 -1.18 -12.70 16.12
CA GLY A 278 -1.63 -14.09 15.99
C GLY A 278 -2.37 -14.34 14.68
N VAL A 279 -2.42 -13.36 13.78
CA VAL A 279 -3.22 -13.43 12.54
C VAL A 279 -2.34 -13.17 11.30
N ASN A 280 -1.68 -12.02 11.21
CA ASN A 280 -0.90 -11.69 10.00
C ASN A 280 0.21 -10.71 10.38
N ASP A 281 1.40 -10.93 9.86
CA ASP A 281 2.55 -10.06 10.19
C ASP A 281 2.53 -8.76 9.37
N GLN A 282 1.84 -8.72 8.23
CA GLN A 282 1.96 -7.57 7.29
C GLN A 282 0.58 -6.99 6.95
N THR A 283 0.27 -5.84 7.53
CA THR A 283 -0.88 -5.00 7.13
C THR A 283 -0.28 -3.80 6.40
N GLU A 284 -0.02 -3.97 5.11
CA GLU A 284 0.76 -2.99 4.31
C GLU A 284 -0.13 -1.90 3.73
N ARG A 285 0.51 -0.81 3.34
CA ARG A 285 -0.11 0.32 2.59
C ARG A 285 -1.53 0.55 3.09
N PRO A 286 -1.72 0.87 4.38
CA PRO A 286 -3.06 1.19 4.87
C PRO A 286 -3.55 2.50 4.24
N HIS A 287 -4.84 2.55 3.94
CA HIS A 287 -5.43 3.73 3.30
C HIS A 287 -6.93 3.77 3.61
N PHE A 288 -7.47 4.99 3.67
CA PHE A 288 -8.91 5.21 3.92
C PHE A 288 -9.66 5.52 2.65
N VAL A 289 -10.92 5.09 2.65
CA VAL A 289 -12.01 5.70 1.84
C VAL A 289 -13.02 6.23 2.85
N PHE A 290 -13.39 7.49 2.73
CA PHE A 290 -14.45 8.12 3.55
C PHE A 290 -15.70 8.11 2.69
N GLN A 291 -16.71 7.35 3.10
CA GLN A 291 -17.96 7.23 2.30
C GLN A 291 -19.16 7.07 3.25
N GLU A 292 -20.22 7.82 2.96
CA GLU A 292 -21.52 7.73 3.67
C GLU A 292 -21.30 7.82 5.18
N GLY A 293 -20.38 8.69 5.61
CA GLY A 293 -20.12 8.99 7.03
C GLY A 293 -19.32 7.89 7.71
N LYS A 294 -18.82 6.93 6.94
CA LYS A 294 -18.07 5.78 7.49
C LYS A 294 -16.59 5.89 7.11
N TYR A 295 -15.78 5.22 7.90
CA TYR A 295 -14.32 5.09 7.73
C TYR A 295 -14.05 3.67 7.23
N TYR A 296 -13.75 3.54 5.94
CA TYR A 296 -13.34 2.27 5.32
C TYR A 296 -11.81 2.25 5.30
N LEU A 297 -11.25 1.37 6.11
CA LEU A 297 -9.80 1.23 6.30
C LEU A 297 -9.32 -0.02 5.58
N PHE A 298 -8.53 0.18 4.54
CA PHE A 298 -8.00 -0.90 3.67
C PHE A 298 -6.54 -1.14 3.99
N THR A 299 -6.11 -2.38 3.78
CA THR A 299 -4.71 -2.78 3.98
C THR A 299 -4.43 -3.97 3.06
N ILE A 300 -3.21 -4.05 2.57
CA ILE A 300 -2.77 -5.10 1.63
CA ILE A 300 -2.82 -5.14 1.64
C ILE A 300 -2.00 -6.17 2.43
N SER A 301 -2.20 -7.44 2.12
CA SER A 301 -1.50 -8.51 2.84
C SER A 301 -1.25 -9.72 1.95
N HIS A 302 -0.43 -10.61 2.49
CA HIS A 302 0.09 -11.80 1.80
C HIS A 302 -0.50 -13.08 2.39
N LYS A 303 -0.76 -14.04 1.51
CA LYS A 303 -1.04 -15.43 1.92
C LYS A 303 0.06 -15.90 2.88
N TYR A 304 1.33 -15.65 2.56
CA TYR A 304 2.42 -16.30 3.32
C TYR A 304 2.83 -15.48 4.55
N THR A 305 2.12 -14.38 4.88
CA THR A 305 2.35 -13.69 6.18
C THR A 305 1.20 -13.97 7.16
N PHE A 306 0.24 -14.83 6.78
CA PHE A 306 -0.75 -15.35 7.75
C PHE A 306 -0.03 -16.24 8.77
N ALA A 307 -0.56 -16.23 10.00
CA ALA A 307 -0.18 -17.15 11.08
C ALA A 307 -0.56 -18.59 10.75
N ASP A 308 0.13 -19.52 11.41
CA ASP A 308 -0.16 -20.97 11.33
C ASP A 308 -1.66 -21.21 11.56
N ASN A 309 -2.21 -22.09 10.73
CA ASN A 309 -3.60 -22.62 10.86
C ASN A 309 -4.62 -21.53 10.48
N LEU A 310 -4.19 -20.51 9.75
CA LEU A 310 -5.02 -19.50 9.07
C LEU A 310 -4.50 -19.37 7.65
N THR A 311 -5.33 -18.91 6.73
CA THR A 311 -4.81 -18.52 5.40
C THR A 311 -5.82 -17.60 4.71
N GLY A 312 -5.33 -16.99 3.66
CA GLY A 312 -6.12 -16.14 2.77
C GLY A 312 -5.27 -15.79 1.56
N PRO A 313 -5.90 -15.22 0.53
CA PRO A 313 -5.18 -14.85 -0.66
C PRO A 313 -4.41 -13.54 -0.48
N ASP A 314 -3.39 -13.36 -1.31
CA ASP A 314 -2.81 -12.00 -1.50
C ASP A 314 -3.95 -11.08 -1.94
N GLY A 315 -3.95 -9.85 -1.44
CA GLY A 315 -4.98 -8.90 -1.87
C GLY A 315 -5.24 -7.82 -0.86
N VAL A 316 -6.37 -7.17 -1.00
CA VAL A 316 -6.72 -6.07 -0.07
C VAL A 316 -7.79 -6.57 0.90
N TYR A 317 -7.53 -6.28 2.15
CA TYR A 317 -8.40 -6.56 3.30
C TYR A 317 -8.89 -5.21 3.81
N GLY A 318 -9.95 -5.23 4.60
CA GLY A 318 -10.54 -3.97 5.03
C GLY A 318 -11.44 -4.09 6.22
N PHE A 319 -11.71 -2.93 6.79
CA PHE A 319 -12.47 -2.78 8.05
C PHE A 319 -13.28 -1.51 7.95
N VAL A 320 -14.39 -1.45 8.68
CA VAL A 320 -15.26 -0.25 8.63
C VAL A 320 -15.66 0.15 10.05
N SER A 321 -15.74 1.44 10.26
CA SER A 321 -16.17 2.04 11.55
C SER A 321 -17.00 3.29 11.25
N ASN A 322 -17.82 3.66 12.23
CA ASN A 322 -18.54 4.96 12.23
C ASN A 322 -17.62 6.08 12.77
N GLN A 323 -16.53 5.73 13.44
CA GLN A 323 -15.63 6.67 14.13
C GLN A 323 -14.18 6.40 13.72
N LEU A 324 -13.38 7.45 13.61
CA LEU A 324 -11.95 7.28 13.21
C LEU A 324 -11.29 6.21 14.08
N THR A 325 -11.47 6.28 15.39
CA THR A 325 -10.68 5.41 16.31
C THR A 325 -11.42 4.12 16.64
N GLY A 326 -12.48 3.80 15.92
CA GLY A 326 -13.15 2.50 16.03
C GLY A 326 -14.36 2.55 16.97
N PRO A 327 -14.94 1.38 17.30
CA PRO A 327 -14.42 0.08 16.91
C PRO A 327 -14.66 -0.22 15.42
N TYR A 328 -13.78 -1.01 14.83
CA TYR A 328 -13.88 -1.46 13.43
C TYR A 328 -14.47 -2.86 13.39
N THR A 329 -15.18 -3.19 12.31
CA THR A 329 -15.55 -4.59 12.02
C THR A 329 -15.02 -4.96 10.64
N PRO A 330 -14.73 -6.25 10.40
CA PRO A 330 -14.11 -6.64 9.13
C PRO A 330 -15.10 -6.59 7.96
N MET A 331 -14.61 -6.10 6.84
CA MET A 331 -15.39 -6.08 5.58
C MET A 331 -15.68 -7.52 5.15
N ASN A 332 -16.93 -7.73 4.72
CA ASN A 332 -17.37 -9.06 4.23
C ASN A 332 -17.16 -10.12 5.32
N SER A 333 -17.22 -9.70 6.59
CA SER A 333 -17.16 -10.56 7.80
C SER A 333 -15.74 -11.08 8.07
N SER A 334 -14.99 -11.46 7.03
CA SER A 334 -13.64 -12.04 7.17
C SER A 334 -12.55 -10.96 7.15
N GLY A 335 -12.84 -9.82 6.52
CA GLY A 335 -11.84 -8.80 6.19
C GLY A 335 -11.49 -8.78 4.72
N LEU A 336 -11.65 -9.87 3.97
CA LEU A 336 -11.21 -9.88 2.56
C LEU A 336 -12.13 -9.05 1.67
N VAL A 337 -11.53 -8.09 0.98
CA VAL A 337 -12.22 -7.20 0.00
C VAL A 337 -11.91 -7.61 -1.44
N LEU A 338 -10.64 -7.80 -1.78
CA LEU A 338 -10.30 -8.22 -3.17
C LEU A 338 -9.07 -9.11 -3.12
N GLY A 339 -9.29 -10.39 -3.39
CA GLY A 339 -8.24 -11.42 -3.31
C GLY A 339 -7.90 -11.92 -4.68
N ASN A 340 -6.67 -12.34 -4.84
CA ASN A 340 -6.22 -12.98 -6.11
C ASN A 340 -6.96 -14.31 -6.25
N PRO A 341 -7.21 -14.72 -7.51
CA PRO A 341 -7.80 -16.03 -7.81
C PRO A 341 -6.76 -17.13 -7.55
N SER A 342 -7.22 -18.28 -7.04
CA SER A 342 -6.35 -19.41 -6.62
C SER A 342 -5.56 -19.98 -7.80
N SER A 343 -6.04 -19.85 -9.04
CA SER A 343 -5.31 -20.41 -10.21
C SER A 343 -4.14 -19.48 -10.60
N GLN A 344 -4.15 -18.22 -10.15
CA GLN A 344 -3.05 -17.25 -10.39
C GLN A 344 -2.83 -16.45 -9.11
N PRO A 345 -2.34 -17.12 -8.03
CA PRO A 345 -2.38 -16.53 -6.69
C PRO A 345 -1.45 -15.32 -6.51
N PHE A 346 -0.45 -15.18 -7.39
CA PHE A 346 0.52 -14.06 -7.31
C PHE A 346 0.39 -13.13 -8.51
N GLN A 347 -0.76 -13.11 -9.18
CA GLN A 347 -0.91 -12.35 -10.46
C GLN A 347 -0.69 -10.85 -10.21
N THR A 348 -1.16 -10.33 -9.08
CA THR A 348 -1.06 -8.87 -8.79
C THR A 348 -0.77 -8.63 -7.32
N TYR A 349 -0.34 -7.43 -7.00
CA TYR A 349 -0.14 -7.04 -5.59
C TYR A 349 -0.26 -5.52 -5.48
N SER A 350 -0.30 -5.06 -4.23
CA SER A 350 -0.42 -3.64 -3.87
C SER A 350 -1.74 -3.06 -4.38
N HIS A 351 -2.84 -3.78 -4.12
CA HIS A 351 -4.23 -3.39 -4.43
C HIS A 351 -4.64 -2.17 -3.62
N TYR A 352 -4.82 -1.04 -4.31
CA TYR A 352 -5.09 0.29 -3.71
C TYR A 352 -6.48 0.74 -4.11
N VAL A 353 -7.35 0.88 -3.10
CA VAL A 353 -8.78 1.19 -3.26
C VAL A 353 -8.97 2.71 -3.19
N MET A 354 -9.47 3.29 -4.26
CA MET A 354 -9.69 4.74 -4.33
C MET A 354 -11.16 5.04 -4.08
N PRO A 355 -11.51 6.27 -3.68
CA PRO A 355 -12.87 6.56 -3.22
C PRO A 355 -13.95 6.47 -4.30
N ASN A 356 -13.55 6.40 -5.57
CA ASN A 356 -14.46 6.16 -6.72
C ASN A 356 -14.73 4.65 -6.88
N GLY A 357 -14.20 3.82 -5.97
CA GLY A 357 -14.40 2.36 -6.05
C GLY A 357 -13.41 1.68 -6.97
N LEU A 358 -12.51 2.41 -7.64
CA LEU A 358 -11.52 1.78 -8.53
CA LEU A 358 -11.51 1.79 -8.53
C LEU A 358 -10.35 1.26 -7.69
N VAL A 359 -9.87 0.09 -8.04
CA VAL A 359 -8.78 -0.61 -7.34
C VAL A 359 -7.68 -0.88 -8.36
N THR A 360 -6.54 -0.24 -8.15
CA THR A 360 -5.34 -0.43 -8.99
C THR A 360 -4.40 -1.43 -8.30
N SER A 361 -3.64 -2.15 -9.10
CA SER A 361 -2.63 -3.12 -8.62
C SER A 361 -1.60 -3.29 -9.73
N PHE A 362 -0.44 -3.81 -9.38
CA PHE A 362 0.62 -4.11 -10.37
C PHE A 362 0.64 -5.62 -10.62
N ILE A 363 1.01 -6.00 -11.84
CA ILE A 363 1.19 -7.43 -12.21
C ILE A 363 2.52 -7.92 -11.65
N ASP A 364 2.51 -9.03 -10.92
CA ASP A 364 3.70 -9.65 -10.32
C ASP A 364 4.08 -10.87 -11.17
N SER A 365 3.47 -12.02 -10.92
N SER A 365 3.52 -12.03 -10.88
CA SER A 365 3.90 -13.32 -11.50
CA SER A 365 3.89 -13.33 -11.49
C SER A 365 2.68 -14.10 -11.97
C SER A 365 2.65 -14.06 -11.97
N VAL A 366 2.57 -14.37 -13.27
CA VAL A 366 1.40 -15.06 -13.87
C VAL A 366 1.91 -16.40 -14.40
N PRO A 367 1.19 -17.52 -14.15
CA PRO A 367 1.56 -18.79 -14.77
C PRO A 367 1.63 -18.65 -16.30
N TRP A 368 2.67 -19.25 -16.91
CA TRP A 368 2.90 -19.15 -18.37
C TRP A 368 2.85 -20.56 -18.97
N GLU A 369 3.98 -21.17 -19.23
CA GLU A 369 4.04 -22.52 -19.87
C GLU A 369 4.44 -23.51 -18.80
N GLY A 370 3.68 -24.61 -18.67
CA GLY A 370 3.88 -25.62 -17.62
C GLY A 370 4.16 -24.97 -16.28
N GLU A 371 5.35 -25.20 -15.74
CA GLU A 371 5.76 -24.74 -14.39
C GLU A 371 6.45 -23.36 -14.46
N LYS A 372 6.38 -22.67 -15.59
CA LYS A 372 7.08 -21.36 -15.78
C LYS A 372 6.13 -20.20 -15.46
N PHE A 373 6.70 -19.01 -15.23
CA PHE A 373 5.95 -17.78 -14.89
C PHE A 373 6.39 -16.65 -15.82
N ARG A 374 5.48 -15.71 -16.06
CA ARG A 374 5.79 -14.43 -16.71
C ARG A 374 5.70 -13.32 -15.65
N ILE A 375 6.73 -12.47 -15.61
CA ILE A 375 6.82 -11.35 -14.64
C ILE A 375 6.23 -10.09 -15.27
N GLY A 376 5.49 -9.31 -14.47
CA GLY A 376 4.84 -8.07 -14.93
C GLY A 376 5.73 -6.85 -14.74
N GLY A 377 5.69 -6.25 -13.55
CA GLY A 377 6.36 -4.94 -13.33
C GLY A 377 5.70 -3.86 -14.16
N THR A 378 4.38 -3.97 -14.30
CA THR A 378 3.50 -3.09 -15.09
C THR A 378 2.12 -3.10 -14.43
N GLU A 379 1.25 -2.16 -14.78
CA GLU A 379 -0.07 -2.05 -14.11
C GLU A 379 -1.00 -3.17 -14.53
N ALA A 380 -1.78 -3.68 -13.59
CA ALA A 380 -2.86 -4.66 -13.87
C ALA A 380 -4.11 -3.90 -14.31
N PRO A 381 -5.10 -4.60 -14.90
CA PRO A 381 -6.41 -4.00 -15.13
C PRO A 381 -7.00 -3.47 -13.82
N THR A 382 -7.61 -2.30 -13.90
CA THR A 382 -8.30 -1.67 -12.75
C THR A 382 -9.63 -2.39 -12.53
N VAL A 383 -9.96 -2.65 -11.27
CA VAL A 383 -11.23 -3.31 -10.85
C VAL A 383 -12.11 -2.23 -10.23
N LYS A 384 -13.41 -2.29 -10.45
CA LYS A 384 -14.38 -1.44 -9.71
C LYS A 384 -15.12 -2.29 -8.69
N ILE A 385 -15.15 -1.78 -7.45
CA ILE A 385 -15.95 -2.38 -6.36
C ILE A 385 -16.96 -1.34 -5.87
N LEU A 386 -18.07 -1.84 -5.34
CA LEU A 386 -19.06 -1.06 -4.57
C LEU A 386 -18.92 -1.44 -3.10
N LEU A 387 -19.00 -0.44 -2.24
CA LEU A 387 -19.05 -0.60 -0.78
C LEU A 387 -20.51 -0.39 -0.35
N LYS A 388 -21.09 -1.38 0.30
CA LYS A 388 -22.48 -1.36 0.78
C LYS A 388 -22.44 -1.76 2.25
N GLY A 389 -22.53 -0.78 3.14
CA GLY A 389 -22.34 -1.05 4.57
C GLY A 389 -21.02 -1.74 4.82
N ASP A 390 -21.03 -2.94 5.41
CA ASP A 390 -19.77 -3.66 5.72
C ASP A 390 -19.53 -4.75 4.69
N ARG A 391 -20.07 -4.61 3.47
CA ARG A 391 -19.80 -5.58 2.39
C ARG A 391 -19.25 -4.86 1.17
N SER A 392 -18.57 -5.62 0.30
CA SER A 392 -18.08 -5.09 -0.99
C SER A 392 -18.42 -6.06 -2.10
N PHE A 393 -18.50 -5.52 -3.31
CA PHE A 393 -18.90 -6.28 -4.52
C PHE A 393 -18.06 -5.83 -5.69
N VAL A 394 -17.36 -6.76 -6.33
CA VAL A 394 -16.74 -6.52 -7.66
C VAL A 394 -17.86 -6.34 -8.69
N VAL A 395 -17.83 -5.25 -9.44
CA VAL A 395 -18.90 -4.93 -10.43
C VAL A 395 -18.36 -4.66 -11.84
N ASP A 396 -17.07 -4.32 -12.02
CA ASP A 396 -16.59 -3.99 -13.39
C ASP A 396 -15.08 -4.08 -13.41
N SER A 397 -14.51 -4.04 -14.59
CA SER A 397 -13.05 -3.89 -14.72
C SER A 397 -12.75 -3.07 -15.96
N PHE A 398 -11.58 -2.47 -15.98
CA PHE A 398 -11.19 -1.47 -16.99
C PHE A 398 -9.82 -1.83 -17.55
N ASP A 399 -9.23 -0.92 -18.32
CA ASP A 399 -7.92 -1.16 -18.94
C ASP A 399 -6.80 -1.28 -17.88
N TYR A 400 -5.68 -1.83 -18.33
CA TYR A 400 -4.39 -1.85 -17.58
C TYR A 400 -4.07 -0.43 -17.10
N GLY A 401 -3.90 -0.26 -15.80
CA GLY A 401 -3.41 0.99 -15.21
C GLY A 401 -4.40 2.15 -15.35
N TYR A 402 -5.69 1.90 -15.51
CA TYR A 402 -6.69 2.97 -15.58
C TYR A 402 -6.91 3.56 -14.18
N ILE A 403 -6.40 4.78 -14.00
CA ILE A 403 -6.39 5.51 -12.70
C ILE A 403 -6.79 6.94 -13.00
N PRO A 404 -8.08 7.17 -13.28
CA PRO A 404 -8.56 8.52 -13.58
C PRO A 404 -8.64 9.39 -12.34
N ALA A 405 -8.69 10.70 -12.56
CA ALA A 405 -8.87 11.65 -11.45
C ALA A 405 -10.38 11.69 -11.12
N MET A 406 -10.67 12.03 -9.89
CA MET A 406 -12.05 12.26 -9.41
C MET A 406 -12.42 13.73 -9.59
N LYS A 407 -11.43 14.59 -9.53
CA LYS A 407 -11.60 16.02 -9.85
C LYS A 407 -10.32 16.60 -10.40
N ASP A 408 -10.49 17.76 -11.02
CA ASP A 408 -9.40 18.47 -11.72
C ASP A 408 -9.15 19.79 -10.99
N ILE A 409 -7.89 20.02 -10.62
CA ILE A 409 -7.44 21.28 -9.96
C ILE A 409 -6.83 22.19 -11.03
N ILE A 410 -7.39 23.39 -11.19
CA ILE A 410 -6.88 24.44 -12.09
C ILE A 410 -5.79 25.19 -11.31
N LEU A 411 -4.53 25.12 -11.76
CA LEU A 411 -3.46 25.84 -11.03
C LEU A 411 -3.58 27.36 -11.25
N LYS A 412 -3.29 28.11 -10.19
CA LYS A 412 -3.33 29.59 -10.19
C LYS A 412 -1.99 30.07 -10.76
ZN ZN B . -4.33 28.84 -3.92
ZN ZN C . -10.92 16.46 -1.90
ZN ZN D . 2.15 -12.51 -1.48
C1 0V1 E . 6.59 -4.26 0.03
C2 0V1 E . 7.04 -3.08 -0.85
C3 0V1 E . 8.48 -2.74 -0.47
C4 0V1 E . 9.14 -1.78 -1.46
O4 0V1 E . 9.33 -2.39 -2.72
O2 0V1 E . 6.18 -1.94 -0.62
O1 0V1 E . 5.24 -4.68 -0.24
#